data_3RRE
#
_entry.id   3RRE
#
_cell.length_a   122.309
_cell.length_b   122.309
_cell.length_c   155.312
_cell.angle_alpha   90.000
_cell.angle_beta   90.000
_cell.angle_gamma   90.000
#
_symmetry.space_group_name_H-M   'I 4 2 2'
#
loop_
_entity.id
_entity.type
_entity.pdbx_description
1 polymer 'Bifunctional NAD(P)H-hydrate repair enzyme Nnr'
2 polymer peptide
3 non-polymer 'POTASSIUM ION'
4 non-polymer 'MAGNESIUM ION'
5 non-polymer "ADENOSINE-5'-DIPHOSPHATE"
6 non-polymer GLYCEROL
7 water water
#
loop_
_entity_poly.entity_id
_entity_poly.type
_entity_poly.pdbx_seq_one_letter_code
_entity_poly.pdbx_strand_id
1 'polypeptide(L)'
;MGSDKIHHHHHHMKEIDELTIKEYGVDSRILMERAGISVVLAMEEELGNLSDYRFLVLCGGGNNGGDGFVVARNLLGVVK
DVLVVFLGKKKTPDCEYNYGLYKKFGGKVVEQFEPSILNEFDVVVDAIFGTGLRGEITGEYAEIINLVNKSGKVVVSVDV
PSGIDSNTGKVLRTAVKADLTVTFGVPKIGHILFPGRDLTGKLKVANIGHPVHLINSINRYVITREMVRSLLPERPRDSH
KGTYGKVLIIAGSRLYSGAPVLSGMGSLKVGTGLVKLAVPFPQNLIATSRFPELISVPIDTEKGFFSLQNLQECLELSKD
VDVVAIGPGLGNNEHVREFVNEFLKTLEKPAVIDADAINVLDTSVLKERKSPAVLTPHPGEMARLVKKTVGDVKYNYELA
EEFAKENDCVLVLKSATTIVTDGEKTLFNITGNTGLSKGGSGDVLTGMIAGFIAQGLSPLEASTVSVYLHGFAAELFEQD
ERGLTASELLRLIPEAIRRLKE
;
A
2 'polypeptide(L)' AAWLFEA B
#
loop_
_chem_comp.id
_chem_comp.type
_chem_comp.name
_chem_comp.formula
ADP non-polymer ADENOSINE-5'-DIPHOSPHATE 'C10 H15 N5 O10 P2'
GOL non-polymer GLYCEROL 'C3 H8 O3'
K non-polymer 'POTASSIUM ION' 'K 1'
MG non-polymer 'MAGNESIUM ION' 'Mg 2'
#
# COMPACT_ATOMS: atom_id res chain seq x y z
N MET A 13 -9.28 -13.46 -8.54
CA MET A 13 -8.28 -14.36 -9.16
C MET A 13 -8.79 -15.80 -9.25
N LYS A 14 -9.59 -16.22 -8.27
CA LYS A 14 -10.21 -17.55 -8.35
C LYS A 14 -11.15 -17.62 -9.57
N GLU A 15 -11.87 -16.52 -9.84
CA GLU A 15 -12.66 -16.36 -11.04
C GLU A 15 -11.81 -16.36 -12.28
N ILE A 16 -10.59 -15.87 -12.15
CA ILE A 16 -9.64 -15.77 -13.27
C ILE A 16 -9.17 -17.16 -13.69
N ASP A 17 -8.77 -17.98 -12.72
CA ASP A 17 -8.45 -19.36 -12.98
C ASP A 17 -9.61 -20.08 -13.67
N GLU A 18 -10.82 -19.91 -13.12
CA GLU A 18 -11.93 -20.68 -13.61
C GLU A 18 -12.37 -20.23 -15.02
N LEU A 19 -12.21 -18.95 -15.34
CA LEU A 19 -12.55 -18.52 -16.68
C LEU A 19 -11.50 -19.03 -17.65
N THR A 20 -10.24 -19.08 -17.20
CA THR A 20 -9.15 -19.52 -18.06
C THR A 20 -9.32 -21.01 -18.42
N ILE A 21 -9.79 -21.81 -17.46
CA ILE A 21 -10.08 -23.22 -17.69
C ILE A 21 -11.39 -23.40 -18.50
N LYS A 22 -12.50 -22.95 -17.93
CA LYS A 22 -13.81 -23.27 -18.46
C LYS A 22 -14.14 -22.51 -19.75
N GLU A 23 -13.64 -21.30 -19.91
CA GLU A 23 -14.05 -20.51 -21.06
C GLU A 23 -12.93 -20.41 -22.08
N TYR A 24 -11.68 -20.25 -21.65
CA TYR A 24 -10.57 -20.21 -22.63
C TYR A 24 -10.08 -21.63 -22.96
N GLY A 25 -10.28 -22.57 -22.06
CA GLY A 25 -10.02 -23.97 -22.40
C GLY A 25 -8.64 -24.48 -22.04
N VAL A 26 -7.94 -23.74 -21.18
CA VAL A 26 -6.62 -24.19 -20.76
C VAL A 26 -6.82 -25.28 -19.72
N ASP A 27 -6.23 -26.44 -19.93
CA ASP A 27 -6.37 -27.54 -18.98
C ASP A 27 -5.85 -27.08 -17.62
N SER A 28 -6.58 -27.44 -16.55
CA SER A 28 -6.18 -27.05 -15.21
C SER A 28 -4.78 -27.61 -14.87
N ARG A 29 -4.44 -28.78 -15.38
CA ARG A 29 -3.10 -29.33 -15.18
C ARG A 29 -1.97 -28.46 -15.76
N ILE A 30 -2.24 -27.81 -16.89
CA ILE A 30 -1.28 -26.94 -17.54
C ILE A 30 -1.00 -25.75 -16.62
N LEU A 31 -2.04 -25.13 -16.07
CA LEU A 31 -1.87 -24.03 -15.11
C LEU A 31 -1.02 -24.45 -13.90
N MET A 32 -1.29 -25.64 -13.37
CA MET A 32 -0.63 -26.14 -12.19
C MET A 32 0.87 -26.43 -12.53
N GLU A 33 1.11 -27.00 -13.70
CA GLU A 33 2.47 -27.22 -14.15
C GLU A 33 3.26 -25.93 -14.23
N ARG A 34 2.69 -24.94 -14.91
CA ARG A 34 3.30 -23.64 -15.03
C ARG A 34 3.56 -22.99 -13.66
N ALA A 35 2.60 -23.14 -12.72
CA ALA A 35 2.77 -22.62 -11.37
C ALA A 35 4.00 -23.25 -10.73
N GLY A 36 4.11 -24.55 -10.80
CA GLY A 36 5.19 -25.22 -10.11
C GLY A 36 6.53 -24.91 -10.70
N ILE A 37 6.64 -24.89 -12.02
CA ILE A 37 7.95 -24.53 -12.60
C ILE A 37 8.31 -23.08 -12.31
N SER A 38 7.33 -22.19 -12.26
CA SER A 38 7.61 -20.80 -11.86
C SER A 38 8.32 -20.76 -10.50
N VAL A 39 7.87 -21.58 -9.55
CA VAL A 39 8.47 -21.64 -8.20
C VAL A 39 9.96 -22.09 -8.29
N VAL A 40 10.22 -23.09 -9.12
CA VAL A 40 11.59 -23.61 -9.30
C VAL A 40 12.47 -22.50 -9.89
N LEU A 41 11.98 -21.83 -10.92
CA LEU A 41 12.78 -20.77 -11.56
C LEU A 41 13.04 -19.61 -10.58
N ALA A 42 12.01 -19.26 -9.82
CA ALA A 42 12.11 -18.17 -8.85
C ALA A 42 13.19 -18.52 -7.79
N MET A 43 13.19 -19.77 -7.33
CA MET A 43 14.13 -20.23 -6.33
C MET A 43 15.55 -20.20 -6.86
N GLU A 44 15.73 -20.68 -8.08
CA GLU A 44 17.03 -20.58 -8.75
C GLU A 44 17.60 -19.11 -8.85
N GLU A 45 16.74 -18.20 -9.26
CA GLU A 45 17.04 -16.77 -9.32
C GLU A 45 17.51 -16.25 -7.98
N GLU A 46 16.94 -16.78 -6.91
CA GLU A 46 17.18 -16.29 -5.58
C GLU A 46 18.32 -17.04 -4.86
N LEU A 47 18.44 -18.35 -5.06
CA LEU A 47 19.48 -19.16 -4.41
C LEU A 47 20.69 -19.48 -5.30
N GLY A 48 20.60 -19.20 -6.59
CA GLY A 48 21.65 -19.63 -7.52
C GLY A 48 21.40 -21.10 -7.85
N ASN A 49 22.42 -21.74 -8.34
CA ASN A 49 22.34 -23.17 -8.64
C ASN A 49 21.68 -24.01 -7.51
N LEU A 50 20.65 -24.78 -7.87
CA LEU A 50 19.89 -25.52 -6.90
C LEU A 50 20.53 -26.86 -6.54
N SER A 51 21.55 -27.29 -7.26
CA SER A 51 21.89 -28.70 -7.21
C SER A 51 22.53 -29.11 -5.89
N ASP A 52 23.10 -28.15 -5.17
CA ASP A 52 23.64 -28.35 -3.85
C ASP A 52 22.62 -28.49 -2.70
N TYR A 53 21.41 -28.00 -2.88
CA TYR A 53 20.47 -27.89 -1.75
C TYR A 53 19.57 -29.12 -1.58
N ARG A 54 19.19 -29.39 -0.33
CA ARG A 54 18.20 -30.38 0.00
C ARG A 54 16.86 -29.67 0.34
N PHE A 55 15.80 -30.09 -0.34
CA PHE A 55 14.43 -29.52 -0.28
C PHE A 55 13.39 -30.42 0.44
N LEU A 56 12.71 -29.82 1.39
CA LEU A 56 11.57 -30.40 2.12
C LEU A 56 10.33 -29.66 1.66
N VAL A 57 9.45 -30.36 0.98
CA VAL A 57 8.27 -29.76 0.39
C VAL A 57 7.08 -30.23 1.24
N LEU A 58 6.36 -29.25 1.80
CA LEU A 58 5.23 -29.48 2.69
C LEU A 58 3.96 -29.25 1.85
N CYS A 59 3.20 -30.32 1.63
CA CYS A 59 2.09 -30.29 0.71
C CYS A 59 0.79 -30.55 1.46
N GLY A 60 -0.17 -29.65 1.26
CA GLY A 60 -1.54 -29.93 1.67
C GLY A 60 -2.27 -30.72 0.58
N GLY A 61 -3.53 -31.01 0.89
CA GLY A 61 -4.42 -31.70 0.00
C GLY A 61 -5.05 -30.93 -1.16
N GLY A 62 -4.90 -29.61 -1.18
CA GLY A 62 -5.54 -28.81 -2.20
C GLY A 62 -4.65 -28.49 -3.36
N ASN A 63 -5.05 -27.49 -4.14
CA ASN A 63 -4.24 -27.16 -5.29
C ASN A 63 -2.94 -26.44 -4.94
N ASN A 64 -2.86 -25.82 -3.76
CA ASN A 64 -1.58 -25.32 -3.31
C ASN A 64 -0.61 -26.50 -3.18
N GLY A 65 -1.07 -27.57 -2.55
CA GLY A 65 -0.27 -28.77 -2.41
C GLY A 65 0.06 -29.40 -3.75
N GLY A 66 -0.89 -29.31 -4.69
CA GLY A 66 -0.70 -29.83 -6.04
C GLY A 66 0.44 -29.06 -6.70
N ASP A 67 0.46 -27.74 -6.53
CA ASP A 67 1.58 -26.95 -7.05
C ASP A 67 2.92 -27.43 -6.41
N GLY A 68 2.88 -27.76 -5.11
CA GLY A 68 4.05 -28.26 -4.42
C GLY A 68 4.55 -29.59 -4.98
N PHE A 69 3.65 -30.49 -5.36
CA PHE A 69 4.04 -31.75 -5.96
C PHE A 69 4.74 -31.53 -7.30
N VAL A 70 4.35 -30.49 -7.99
CA VAL A 70 4.97 -30.14 -9.26
C VAL A 70 6.40 -29.67 -9.00
N VAL A 71 6.55 -28.80 -8.00
CA VAL A 71 7.87 -28.35 -7.57
C VAL A 71 8.77 -29.55 -7.23
N ALA A 72 8.28 -30.42 -6.36
CA ALA A 72 9.04 -31.56 -5.89
C ALA A 72 9.45 -32.38 -7.07
N ARG A 73 8.52 -32.67 -7.96
CA ARG A 73 8.81 -33.53 -9.10
C ARG A 73 9.88 -32.94 -10.01
N ASN A 74 9.79 -31.65 -10.29
CA ASN A 74 10.80 -30.96 -11.11
C ASN A 74 12.19 -30.76 -10.49
N LEU A 75 12.33 -31.01 -9.18
CA LEU A 75 13.63 -31.03 -8.51
C LEU A 75 14.29 -32.42 -8.49
N LEU A 76 13.51 -33.49 -8.71
CA LEU A 76 14.06 -34.86 -8.73
C LEU A 76 15.21 -35.04 -9.69
N GLY A 77 16.28 -35.64 -9.20
CA GLY A 77 17.42 -35.92 -10.03
C GLY A 77 18.26 -34.69 -10.32
N VAL A 78 17.87 -33.53 -9.85
CA VAL A 78 18.60 -32.30 -10.11
C VAL A 78 19.20 -31.65 -8.84
N VAL A 79 18.66 -31.94 -7.68
CA VAL A 79 19.10 -31.33 -6.44
C VAL A 79 19.66 -32.45 -5.55
N LYS A 80 20.21 -32.09 -4.40
CA LYS A 80 20.80 -33.06 -3.53
C LYS A 80 19.79 -34.05 -2.95
N ASP A 81 18.64 -33.55 -2.54
CA ASP A 81 17.60 -34.38 -1.99
C ASP A 81 16.28 -33.61 -2.02
N VAL A 82 15.21 -34.38 -2.25
CA VAL A 82 13.84 -33.90 -2.15
C VAL A 82 13.03 -34.84 -1.28
N LEU A 83 12.23 -34.32 -0.37
CA LEU A 83 11.23 -35.14 0.35
C LEU A 83 9.93 -34.35 0.44
N VAL A 84 8.82 -34.99 0.14
CA VAL A 84 7.53 -34.39 0.35
C VAL A 84 6.93 -34.94 1.64
N VAL A 85 6.47 -34.05 2.53
CA VAL A 85 5.61 -34.44 3.64
C VAL A 85 4.20 -34.02 3.29
N PHE A 86 3.34 -35.02 3.08
CA PHE A 86 1.95 -34.78 2.71
C PHE A 86 1.12 -34.71 4.01
N LEU A 87 0.48 -33.55 4.21
CA LEU A 87 -0.12 -33.18 5.47
C LEU A 87 -1.64 -33.19 5.43
N GLY A 88 -2.24 -33.40 4.26
CA GLY A 88 -3.69 -33.45 4.13
C GLY A 88 -4.29 -34.84 4.30
N LYS A 89 -5.61 -34.95 4.13
CA LYS A 89 -6.28 -36.24 4.26
C LYS A 89 -7.17 -36.64 3.10
N LYS A 90 -7.01 -35.96 1.98
CA LYS A 90 -7.65 -36.27 0.72
C LYS A 90 -7.04 -35.26 -0.28
N LYS A 91 -7.11 -35.54 -1.56
CA LYS A 91 -6.40 -34.73 -2.53
C LYS A 91 -7.39 -34.29 -3.59
N THR A 92 -7.30 -33.02 -4.00
CA THR A 92 -8.08 -32.56 -5.12
C THR A 92 -7.57 -33.33 -6.37
N PRO A 93 -8.37 -33.34 -7.44
CA PRO A 93 -7.98 -34.12 -8.63
C PRO A 93 -6.62 -33.70 -9.17
N ASP A 94 -6.31 -32.41 -9.20
CA ASP A 94 -5.04 -32.01 -9.77
C ASP A 94 -3.88 -32.33 -8.79
N CYS A 95 -4.11 -32.19 -7.47
CA CYS A 95 -3.12 -32.58 -6.50
C CYS A 95 -2.86 -34.10 -6.61
N GLU A 96 -3.93 -34.87 -6.76
CA GLU A 96 -3.80 -36.32 -6.88
C GLU A 96 -2.96 -36.67 -8.12
N TYR A 97 -3.28 -36.07 -9.26
CA TYR A 97 -2.56 -36.30 -10.53
C TYR A 97 -1.07 -35.99 -10.34
N ASN A 98 -0.79 -34.87 -9.70
CA ASN A 98 0.61 -34.49 -9.54
C ASN A 98 1.40 -35.29 -8.48
N TYR A 99 0.69 -35.74 -7.45
CA TYR A 99 1.23 -36.71 -6.47
C TYR A 99 1.62 -38.00 -7.19
N GLY A 100 0.72 -38.50 -8.02
CA GLY A 100 1.00 -39.67 -8.85
C GLY A 100 2.22 -39.48 -9.72
N LEU A 101 2.34 -38.33 -10.41
CA LEU A 101 3.56 -38.05 -11.19
C LEU A 101 4.86 -38.08 -10.32
N TYR A 102 4.81 -37.37 -9.19
CA TYR A 102 5.97 -37.31 -8.27
C TYR A 102 6.35 -38.72 -7.92
N LYS A 103 5.38 -39.54 -7.54
CA LYS A 103 5.74 -40.92 -7.21
C LYS A 103 6.22 -41.72 -8.43
N LYS A 104 5.61 -41.58 -9.60
CA LYS A 104 6.08 -42.32 -10.82
C LYS A 104 7.50 -41.89 -11.18
N PHE A 105 7.85 -40.66 -10.85
CA PHE A 105 9.19 -40.17 -11.13
C PHE A 105 10.19 -40.61 -10.09
N GLY A 106 9.79 -41.40 -9.10
CA GLY A 106 10.72 -41.90 -8.07
C GLY A 106 10.77 -41.04 -6.77
N GLY A 107 9.83 -40.13 -6.59
CA GLY A 107 9.85 -39.26 -5.41
C GLY A 107 9.40 -39.91 -4.11
N LYS A 108 9.98 -39.48 -3.00
CA LYS A 108 9.57 -40.01 -1.71
C LYS A 108 8.57 -39.08 -1.00
N VAL A 109 7.47 -39.68 -0.56
CA VAL A 109 6.44 -39.00 0.22
C VAL A 109 6.30 -39.63 1.57
N VAL A 110 6.26 -38.82 2.63
CA VAL A 110 5.88 -39.36 3.96
C VAL A 110 4.68 -38.57 4.42
N GLU A 111 3.94 -39.14 5.37
CA GLU A 111 2.76 -38.51 5.94
C GLU A 111 2.91 -38.13 7.39
N GLN A 112 3.97 -38.56 8.04
CA GLN A 112 4.29 -38.13 9.41
C GLN A 112 5.41 -37.10 9.36
N PHE A 113 5.17 -35.95 10.00
CA PHE A 113 6.17 -34.89 10.15
C PHE A 113 6.92 -35.16 11.44
N GLU A 114 8.22 -35.29 11.32
CA GLU A 114 9.05 -35.52 12.51
C GLU A 114 9.86 -34.26 12.79
N PRO A 115 9.69 -33.63 13.98
CA PRO A 115 10.44 -32.41 14.34
C PRO A 115 11.90 -32.38 13.85
N SER A 116 12.66 -33.42 14.16
CA SER A 116 14.04 -33.53 13.69
C SER A 116 14.22 -33.58 12.16
N ILE A 117 13.15 -33.71 11.39
CA ILE A 117 13.30 -33.83 9.95
C ILE A 117 13.85 -32.55 9.34
N LEU A 118 13.55 -31.40 9.95
CA LEU A 118 14.07 -30.11 9.48
C LEU A 118 15.59 -30.12 9.37
N ASN A 119 16.24 -30.83 10.29
CA ASN A 119 17.70 -30.97 10.32
C ASN A 119 18.38 -31.36 9.04
N GLU A 120 17.74 -32.22 8.26
CA GLU A 120 18.39 -32.81 7.09
C GLU A 120 18.08 -32.05 5.79
N PHE A 121 17.58 -30.81 5.91
CA PHE A 121 17.16 -30.04 4.72
C PHE A 121 17.57 -28.58 4.82
N ASP A 122 17.77 -27.96 3.68
CA ASP A 122 18.23 -26.59 3.60
C ASP A 122 17.09 -25.63 3.30
N VAL A 123 16.15 -26.07 2.49
CA VAL A 123 15.05 -25.25 2.03
C VAL A 123 13.73 -25.95 2.30
N VAL A 124 12.79 -25.21 2.88
CA VAL A 124 11.42 -25.63 3.08
C VAL A 124 10.53 -24.95 2.01
N VAL A 125 9.83 -25.75 1.20
CA VAL A 125 8.87 -25.24 0.24
C VAL A 125 7.52 -25.38 0.94
N ASP A 126 6.84 -24.26 1.11
CA ASP A 126 5.59 -24.24 1.92
C ASP A 126 4.44 -24.24 0.95
N ALA A 127 3.87 -25.44 0.70
CA ALA A 127 2.71 -25.61 -0.18
C ALA A 127 1.56 -26.24 0.58
N ILE A 128 1.40 -25.81 1.83
CA ILE A 128 0.36 -26.37 2.70
C ILE A 128 -1.01 -25.76 2.36
N PHE A 129 -1.16 -24.46 2.58
CA PHE A 129 -2.39 -23.72 2.20
C PHE A 129 -2.08 -22.49 1.33
N GLY A 130 -2.89 -22.30 0.29
CA GLY A 130 -2.85 -21.05 -0.48
C GLY A 130 -4.08 -20.17 -0.22
N THR A 131 -4.79 -19.82 -1.29
CA THR A 131 -5.96 -18.95 -1.17
C THR A 131 -7.17 -19.74 -0.67
N GLY A 132 -7.02 -21.05 -0.51
CA GLY A 132 -8.10 -21.91 -0.04
C GLY A 132 -8.17 -22.02 1.48
N LEU A 133 -7.27 -21.33 2.17
CA LEU A 133 -7.29 -21.24 3.63
C LEU A 133 -8.62 -20.73 4.12
N ARG A 134 -9.21 -21.43 5.09
CA ARG A 134 -10.45 -21.03 5.71
C ARG A 134 -10.36 -21.31 7.22
N GLY A 135 -10.39 -20.24 8.01
CA GLY A 135 -10.33 -20.39 9.42
C GLY A 135 -8.94 -20.51 10.00
N GLU A 136 -8.93 -20.41 11.33
CA GLU A 136 -7.71 -20.51 12.14
C GLU A 136 -7.02 -21.86 11.88
N ILE A 137 -5.69 -21.83 11.81
CA ILE A 137 -4.88 -23.04 11.71
C ILE A 137 -4.65 -23.59 13.11
N THR A 138 -4.97 -24.86 13.31
CA THR A 138 -4.73 -25.53 14.58
C THR A 138 -4.08 -26.91 14.37
N GLY A 139 -3.79 -27.55 15.50
CA GLY A 139 -3.46 -28.97 15.51
C GLY A 139 -2.09 -29.14 14.93
N GLU A 140 -1.90 -30.25 14.23
CA GLU A 140 -0.62 -30.58 13.63
C GLU A 140 -0.19 -29.52 12.67
N TYR A 141 -1.15 -28.90 12.01
CA TYR A 141 -0.80 -27.90 10.99
C TYR A 141 -0.07 -26.75 11.67
N ALA A 142 -0.65 -26.24 12.75
CA ALA A 142 -0.04 -25.15 13.49
C ALA A 142 1.35 -25.55 14.01
N GLU A 143 1.48 -26.79 14.51
CA GLU A 143 2.76 -27.25 15.09
C GLU A 143 3.86 -27.28 14.06
N ILE A 144 3.53 -27.81 12.89
CA ILE A 144 4.45 -27.87 11.78
C ILE A 144 4.87 -26.46 11.32
N ILE A 145 3.91 -25.53 11.24
CA ILE A 145 4.23 -24.17 10.84
C ILE A 145 5.13 -23.52 11.90
N ASN A 146 4.81 -23.71 13.18
CA ASN A 146 5.70 -23.18 14.24
C ASN A 146 7.11 -23.80 14.22
N LEU A 147 7.21 -25.08 13.93
CA LEU A 147 8.50 -25.75 13.79
C LEU A 147 9.33 -25.15 12.65
N VAL A 148 8.72 -24.93 11.48
CA VAL A 148 9.39 -24.31 10.37
C VAL A 148 9.87 -22.88 10.69
N ASN A 149 9.01 -22.08 11.33
CA ASN A 149 9.39 -20.74 11.77
C ASN A 149 10.54 -20.69 12.77
N LYS A 150 10.70 -21.72 13.58
CA LYS A 150 11.80 -21.79 14.53
C LYS A 150 13.06 -22.35 13.86
N SER A 151 12.98 -22.79 12.62
CA SER A 151 14.05 -23.65 12.12
C SER A 151 15.25 -22.90 11.55
N GLY A 152 15.09 -21.63 11.20
CA GLY A 152 16.14 -20.91 10.49
C GLY A 152 16.52 -21.46 9.11
N LYS A 153 15.69 -22.30 8.52
CA LYS A 153 15.90 -22.68 7.14
C LYS A 153 15.37 -21.61 6.19
N VAL A 154 15.82 -21.66 4.96
CA VAL A 154 15.27 -20.85 3.86
C VAL A 154 13.86 -21.33 3.53
N VAL A 155 12.89 -20.44 3.55
CA VAL A 155 11.47 -20.79 3.31
C VAL A 155 10.90 -20.10 2.08
N VAL A 156 10.35 -20.91 1.21
CA VAL A 156 9.76 -20.46 -0.04
C VAL A 156 8.32 -20.89 0.03
N SER A 157 7.43 -19.92 0.02
CA SER A 157 6.01 -20.16 0.07
C SER A 157 5.36 -20.10 -1.31
N VAL A 158 4.55 -21.09 -1.61
CA VAL A 158 3.82 -21.16 -2.85
C VAL A 158 2.50 -20.39 -2.74
N ASP A 159 2.36 -19.39 -3.60
CA ASP A 159 1.21 -18.50 -3.72
C ASP A 159 1.04 -17.47 -2.58
N VAL A 160 0.83 -17.95 -1.37
CA VAL A 160 0.77 -17.12 -0.18
C VAL A 160 1.34 -17.95 0.96
N PRO A 161 2.02 -17.31 1.90
CA PRO A 161 2.53 -18.06 3.04
C PRO A 161 1.35 -18.67 3.76
N SER A 162 1.45 -19.94 4.11
CA SER A 162 0.33 -20.67 4.68
C SER A 162 -0.05 -20.05 6.03
N GLY A 163 -1.33 -19.72 6.22
CA GLY A 163 -1.76 -18.99 7.38
C GLY A 163 -2.11 -17.52 7.18
N ILE A 164 -1.68 -16.93 6.07
CA ILE A 164 -2.14 -15.60 5.71
C ILE A 164 -3.48 -15.67 4.96
N ASP A 165 -4.47 -14.91 5.39
CA ASP A 165 -5.73 -14.74 4.63
C ASP A 165 -5.45 -13.85 3.42
N SER A 166 -5.65 -14.38 2.22
CA SER A 166 -5.17 -13.73 1.02
C SER A 166 -6.01 -12.49 0.67
N ASN A 167 -7.19 -12.40 1.27
CA ASN A 167 -8.10 -11.26 1.11
C ASN A 167 -7.85 -10.10 2.02
N THR A 168 -7.20 -10.35 3.15
CA THR A 168 -7.06 -9.30 4.18
C THR A 168 -5.60 -9.11 4.69
N GLY A 169 -4.78 -10.15 4.55
CA GLY A 169 -3.42 -10.09 5.06
C GLY A 169 -3.30 -10.41 6.55
N LYS A 170 -4.41 -10.78 7.16
CA LYS A 170 -4.44 -11.19 8.54
C LYS A 170 -3.83 -12.57 8.73
N VAL A 171 -3.27 -12.81 9.90
CA VAL A 171 -2.74 -14.10 10.25
C VAL A 171 -3.84 -14.93 10.91
N LEU A 172 -4.09 -16.13 10.40
CA LEU A 172 -5.09 -17.00 11.00
C LEU A 172 -4.50 -17.93 12.07
N ARG A 173 -4.36 -17.39 13.26
CA ARG A 173 -3.73 -18.01 14.42
C ARG A 173 -2.21 -18.11 14.28
N THR A 174 -1.76 -18.77 13.24
CA THR A 174 -0.34 -18.83 12.96
C THR A 174 -0.11 -18.88 11.46
N ALA A 175 1.05 -18.42 11.02
CA ALA A 175 1.40 -18.41 9.61
C ALA A 175 2.88 -18.56 9.39
N VAL A 176 3.23 -19.03 8.20
CA VAL A 176 4.58 -19.22 7.79
C VAL A 176 5.27 -17.90 7.52
N LYS A 177 6.51 -17.77 7.97
CA LYS A 177 7.27 -16.58 7.67
C LYS A 177 8.23 -16.94 6.57
N ALA A 178 7.99 -16.44 5.38
CA ALA A 178 8.73 -16.85 4.17
C ALA A 178 9.89 -15.91 3.85
N ASP A 179 10.94 -16.45 3.27
CA ASP A 179 12.01 -15.60 2.68
C ASP A 179 11.61 -15.16 1.28
N LEU A 180 10.84 -16.00 0.59
CA LEU A 180 10.44 -15.77 -0.80
C LEU A 180 9.05 -16.36 -0.97
N THR A 181 8.14 -15.60 -1.58
CA THR A 181 6.83 -16.03 -1.95
C THR A 181 6.68 -15.85 -3.47
N VAL A 182 6.24 -16.92 -4.13
CA VAL A 182 5.94 -16.91 -5.57
C VAL A 182 4.45 -17.02 -5.74
N THR A 183 3.82 -15.96 -6.24
CA THR A 183 2.38 -15.94 -6.43
C THR A 183 2.02 -15.90 -7.93
N PHE A 184 0.78 -16.18 -8.27
CA PHE A 184 0.47 -16.43 -9.69
C PHE A 184 -0.50 -15.41 -10.28
N GLY A 185 -0.19 -14.90 -11.45
CA GLY A 185 -1.09 -13.93 -12.08
C GLY A 185 -0.96 -12.53 -11.53
N VAL A 186 -1.35 -12.31 -10.28
CA VAL A 186 -1.33 -10.96 -9.72
C VAL A 186 -0.99 -11.06 -8.22
N PRO A 187 -0.47 -9.99 -7.62
CA PRO A 187 -0.32 -10.00 -6.19
C PRO A 187 -1.70 -10.07 -5.52
N LYS A 188 -1.75 -10.71 -4.37
CA LYS A 188 -2.99 -10.79 -3.62
C LYS A 188 -2.95 -9.75 -2.52
N ILE A 189 -4.14 -9.33 -2.08
CA ILE A 189 -4.21 -8.29 -1.06
C ILE A 189 -3.42 -8.65 0.20
N GLY A 190 -3.41 -9.92 0.54
CA GLY A 190 -2.69 -10.40 1.70
C GLY A 190 -1.17 -10.37 1.65
N HIS A 191 -0.62 -10.24 0.44
CA HIS A 191 0.78 -9.86 0.25
C HIS A 191 1.04 -8.37 0.46
N ILE A 192 0.01 -7.54 0.36
CA ILE A 192 0.19 -6.09 0.30
C ILE A 192 -0.06 -5.39 1.67
N LEU A 193 -1.04 -5.91 2.42
CA LEU A 193 -1.43 -5.43 3.72
C LEU A 193 -0.68 -6.20 4.82
N PHE A 194 -0.37 -5.53 5.92
CA PHE A 194 0.29 -6.16 7.06
C PHE A 194 -0.80 -6.78 7.90
N PRO A 195 -0.46 -7.85 8.66
CA PRO A 195 0.91 -8.46 8.79
C PRO A 195 1.41 -9.27 7.59
N GLY A 196 0.52 -9.62 6.67
CA GLY A 196 0.87 -10.56 5.60
C GLY A 196 2.03 -10.06 4.75
N ARG A 197 2.09 -8.78 4.50
CA ARG A 197 3.18 -8.18 3.76
C ARG A 197 4.53 -8.53 4.36
N ASP A 198 4.59 -8.62 5.68
CA ASP A 198 5.83 -8.95 6.36
C ASP A 198 6.16 -10.45 6.24
N LEU A 199 5.15 -11.29 6.25
CA LEU A 199 5.40 -12.71 6.27
C LEU A 199 5.75 -13.27 4.85
N THR A 200 5.49 -12.45 3.84
CA THR A 200 5.64 -12.77 2.42
C THR A 200 7.10 -12.74 2.02
N GLY A 201 7.86 -11.85 2.66
CA GLY A 201 9.27 -11.72 2.33
C GLY A 201 9.36 -11.16 0.94
N LYS A 202 10.31 -11.64 0.15
CA LYS A 202 10.41 -11.17 -1.21
C LYS A 202 9.31 -11.75 -2.07
N LEU A 203 8.55 -10.92 -2.77
CA LEU A 203 7.44 -11.42 -3.59
C LEU A 203 7.78 -11.38 -5.08
N LYS A 204 7.67 -12.53 -5.73
CA LYS A 204 7.67 -12.61 -7.20
C LYS A 204 6.29 -12.98 -7.69
N VAL A 205 5.84 -12.28 -8.73
CA VAL A 205 4.55 -12.58 -9.38
C VAL A 205 4.84 -13.23 -10.73
N ALA A 206 4.41 -14.49 -10.87
CA ALA A 206 4.67 -15.27 -12.06
C ALA A 206 3.48 -15.26 -12.99
N ASN A 207 3.77 -15.11 -14.27
CA ASN A 207 2.83 -15.31 -15.37
C ASN A 207 2.69 -16.83 -15.60
N ILE A 208 1.51 -17.39 -15.35
CA ILE A 208 1.31 -18.86 -15.53
C ILE A 208 0.34 -19.17 -16.68
N GLY A 209 0.02 -18.14 -17.46
CA GLY A 209 -0.64 -18.30 -18.76
C GLY A 209 -2.04 -17.78 -18.83
N HIS A 210 -2.53 -17.08 -17.76
CA HIS A 210 -3.85 -16.45 -17.88
C HIS A 210 -3.86 -15.42 -19.00
N PRO A 211 -4.96 -15.27 -19.74
CA PRO A 211 -5.05 -14.23 -20.76
C PRO A 211 -4.82 -12.88 -20.15
N VAL A 212 -4.10 -12.02 -20.84
CA VAL A 212 -3.70 -10.73 -20.26
C VAL A 212 -4.93 -9.89 -19.94
N HIS A 213 -5.94 -9.94 -20.80
CA HIS A 213 -7.23 -9.28 -20.58
C HIS A 213 -7.87 -9.63 -19.23
N LEU A 214 -7.70 -10.85 -18.74
CA LEU A 214 -8.27 -11.16 -17.45
C LEU A 214 -7.41 -10.61 -16.31
N ILE A 215 -6.09 -10.64 -16.46
CA ILE A 215 -5.17 -10.15 -15.45
C ILE A 215 -5.34 -8.66 -15.25
N ASN A 216 -5.70 -7.96 -16.33
CA ASN A 216 -5.88 -6.50 -16.29
C ASN A 216 -7.27 -6.09 -15.89
N SER A 217 -8.17 -7.04 -15.67
CA SER A 217 -9.55 -6.67 -15.35
C SER A 217 -9.69 -6.47 -13.83
N ILE A 218 -8.62 -6.67 -13.08
CA ILE A 218 -8.66 -6.51 -11.64
C ILE A 218 -8.69 -5.02 -11.33
N ASN A 219 -9.41 -4.63 -10.29
CA ASN A 219 -9.73 -3.23 -10.04
C ASN A 219 -9.02 -2.64 -8.79
N ARG A 220 -8.21 -3.47 -8.16
CA ARG A 220 -7.39 -3.07 -7.04
C ARG A 220 -5.93 -3.28 -7.46
N TYR A 221 -5.11 -2.24 -7.33
CA TYR A 221 -3.70 -2.28 -7.86
C TYR A 221 -2.70 -1.80 -6.85
N VAL A 222 -1.49 -2.31 -7.00
CA VAL A 222 -0.33 -1.76 -6.37
C VAL A 222 0.15 -0.57 -7.19
N ILE A 223 0.43 0.57 -6.55
CA ILE A 223 0.99 1.73 -7.25
C ILE A 223 2.45 1.43 -7.63
N THR A 224 2.75 1.46 -8.92
CA THR A 224 4.10 1.16 -9.41
C THR A 224 4.79 2.36 -9.97
N ARG A 225 6.10 2.22 -10.13
CA ARG A 225 6.94 3.27 -10.64
C ARG A 225 6.43 3.71 -12.03
N GLU A 226 5.99 2.78 -12.86
CA GLU A 226 5.62 3.11 -14.22
C GLU A 226 4.32 3.90 -14.25
N MET A 227 3.40 3.52 -13.41
CA MET A 227 2.16 4.24 -13.28
C MET A 227 2.43 5.70 -12.81
N VAL A 228 3.27 5.89 -11.81
CA VAL A 228 3.56 7.22 -11.32
C VAL A 228 4.30 8.03 -12.39
N ARG A 229 5.27 7.39 -13.08
CA ARG A 229 5.93 8.08 -14.17
C ARG A 229 4.96 8.53 -15.25
N SER A 230 3.94 7.74 -15.58
CA SER A 230 3.06 8.19 -16.67
C SER A 230 2.08 9.28 -16.19
N LEU A 231 1.87 9.41 -14.89
CA LEU A 231 0.99 10.45 -14.33
C LEU A 231 1.66 11.81 -14.05
N LEU A 232 2.96 11.84 -13.85
CA LEU A 232 3.70 13.07 -13.63
C LEU A 232 3.31 14.10 -14.65
N PRO A 233 2.88 15.28 -14.23
CA PRO A 233 2.55 16.26 -15.26
C PRO A 233 3.76 16.74 -16.06
N GLU A 234 3.46 17.23 -17.24
CA GLU A 234 4.45 17.80 -18.12
C GLU A 234 4.95 19.14 -17.62
N ARG A 235 6.15 19.50 -18.06
CA ARG A 235 6.75 20.78 -17.76
C ARG A 235 7.09 21.45 -19.10
N PRO A 236 6.08 22.05 -19.77
CA PRO A 236 6.46 22.68 -21.03
C PRO A 236 7.41 23.86 -20.82
N ARG A 237 8.35 23.97 -21.73
CA ARG A 237 9.40 24.96 -21.57
C ARG A 237 8.87 26.38 -21.52
N ASP A 238 7.83 26.68 -22.30
CA ASP A 238 7.30 28.04 -22.32
C ASP A 238 6.23 28.15 -21.24
N SER A 239 6.65 28.30 -20.00
CA SER A 239 5.73 28.29 -18.89
C SER A 239 6.10 29.40 -17.91
N HIS A 240 5.26 29.52 -16.89
CA HIS A 240 5.49 30.49 -15.82
C HIS A 240 4.74 29.93 -14.63
N LYS A 241 4.87 30.57 -13.49
CA LYS A 241 4.35 29.97 -12.30
C LYS A 241 2.88 29.60 -12.39
N GLY A 242 2.11 30.43 -13.06
CA GLY A 242 0.67 30.18 -13.21
C GLY A 242 0.37 28.91 -13.98
N THR A 243 1.22 28.52 -14.92
CA THR A 243 1.14 27.19 -15.56
C THR A 243 1.00 26.04 -14.54
N TYR A 244 1.67 26.18 -13.41
CA TYR A 244 1.83 25.10 -12.46
C TYR A 244 0.91 25.26 -11.21
N GLY A 245 -0.09 26.15 -11.31
CA GLY A 245 -1.11 26.31 -10.28
C GLY A 245 -0.71 27.00 -8.98
N LYS A 246 -1.75 27.22 -8.18
CA LYS A 246 -1.70 27.95 -6.94
C LYS A 246 -2.44 27.19 -5.86
N VAL A 247 -1.80 27.11 -4.71
CA VAL A 247 -2.34 26.43 -3.54
C VAL A 247 -2.51 27.43 -2.41
N LEU A 248 -3.62 27.34 -1.69
CA LEU A 248 -3.79 28.01 -0.40
C LEU A 248 -3.79 26.92 0.65
N ILE A 249 -2.97 27.08 1.66
CA ILE A 249 -2.99 26.22 2.82
C ILE A 249 -3.50 27.00 4.05
N ILE A 250 -4.57 26.50 4.67
CA ILE A 250 -5.16 27.07 5.88
C ILE A 250 -4.79 26.11 7.00
N ALA A 251 -3.91 26.58 7.89
CA ALA A 251 -3.22 25.70 8.78
C ALA A 251 -2.61 26.46 9.95
N GLY A 252 -2.33 25.72 11.01
CA GLY A 252 -1.58 26.22 12.15
C GLY A 252 -2.42 26.89 13.19
N SER A 253 -1.76 27.26 14.27
CA SER A 253 -2.39 27.82 15.43
C SER A 253 -1.29 28.21 16.34
N ARG A 254 -1.65 28.81 17.45
CA ARG A 254 -0.63 29.23 18.43
C ARG A 254 0.06 27.99 19.04
N LEU A 255 -0.64 26.86 19.09
CA LEU A 255 -0.04 25.59 19.57
C LEU A 255 0.84 24.93 18.51
N TYR A 256 0.39 24.95 17.25
CA TYR A 256 1.05 24.19 16.18
C TYR A 256 1.53 25.09 15.07
N SER A 257 2.71 25.67 15.26
CA SER A 257 3.16 26.69 14.33
C SER A 257 3.97 26.13 13.19
N GLY A 258 4.42 24.86 13.29
CA GLY A 258 5.26 24.24 12.26
C GLY A 258 4.53 23.56 11.10
N ALA A 259 3.32 23.06 11.36
CA ALA A 259 2.55 22.33 10.37
C ALA A 259 2.41 23.06 9.02
N PRO A 260 2.09 24.40 9.01
CA PRO A 260 1.90 25.15 7.77
C PRO A 260 3.11 25.12 6.84
N VAL A 261 4.28 25.15 7.46
CA VAL A 261 5.55 25.27 6.79
C VAL A 261 5.84 23.98 6.03
N LEU A 262 5.63 22.87 6.69
CA LEU A 262 5.85 21.55 6.12
C LEU A 262 4.86 21.29 4.98
N SER A 263 3.59 21.66 5.16
CA SER A 263 2.61 21.48 4.07
C SER A 263 2.93 22.35 2.87
N GLY A 264 3.22 23.62 3.13
CA GLY A 264 3.62 24.56 2.08
C GLY A 264 4.80 24.14 1.24
N MET A 265 5.86 23.68 1.89
CA MET A 265 7.01 23.25 1.13
C MET A 265 6.74 21.93 0.42
N GLY A 266 5.82 21.15 0.97
CA GLY A 266 5.42 19.95 0.30
C GLY A 266 4.84 20.25 -1.07
N SER A 267 3.98 21.26 -1.15
CA SER A 267 3.47 21.68 -2.46
C SER A 267 4.56 22.26 -3.37
N LEU A 268 5.50 23.04 -2.81
CA LEU A 268 6.51 23.67 -3.69
C LEU A 268 7.48 22.66 -4.22
N LYS A 269 7.89 21.70 -3.37
CA LYS A 269 8.86 20.65 -3.81
C LYS A 269 8.36 19.70 -4.92
N VAL A 270 7.05 19.54 -5.10
CA VAL A 270 6.49 18.73 -6.20
C VAL A 270 6.22 19.58 -7.47
N GLY A 271 6.57 20.88 -7.45
CA GLY A 271 6.55 21.71 -8.65
C GLY A 271 5.39 22.69 -8.83
N THR A 272 4.61 22.89 -7.79
CA THR A 272 3.54 23.91 -7.80
C THR A 272 4.11 25.32 -8.01
N GLY A 273 3.39 26.17 -8.72
CA GLY A 273 3.89 27.48 -9.06
C GLY A 273 3.89 28.46 -7.89
N LEU A 274 2.81 28.48 -7.13
CA LEU A 274 2.68 29.43 -6.03
C LEU A 274 1.95 28.77 -4.85
N VAL A 275 2.46 29.05 -3.64
CA VAL A 275 1.86 28.57 -2.41
C VAL A 275 1.70 29.72 -1.40
N LYS A 276 0.46 29.87 -0.95
CA LYS A 276 0.06 30.82 0.07
C LYS A 276 -0.43 30.06 1.27
N LEU A 277 0.05 30.44 2.43
CA LEU A 277 -0.38 29.92 3.71
C LEU A 277 -1.22 31.01 4.38
N ALA A 278 -2.30 30.61 5.05
CA ALA A 278 -3.03 31.47 5.95
C ALA A 278 -2.87 30.84 7.35
N VAL A 279 -2.18 31.57 8.22
CA VAL A 279 -1.79 31.09 9.53
C VAL A 279 -2.00 32.25 10.53
N PRO A 280 -2.47 31.95 11.76
CA PRO A 280 -2.64 33.00 12.79
C PRO A 280 -1.35 33.75 13.09
N PHE A 281 -1.45 35.07 13.18
CA PHE A 281 -0.34 35.96 13.53
C PHE A 281 -0.01 35.74 14.98
N PRO A 282 1.30 35.77 15.36
CA PRO A 282 2.56 35.94 14.60
C PRO A 282 3.12 34.63 14.08
N GLN A 283 2.37 33.54 14.22
CA GLN A 283 2.93 32.22 13.84
C GLN A 283 3.21 32.15 12.36
N ASN A 284 2.50 32.97 11.57
CA ASN A 284 2.71 33.00 10.12
C ASN A 284 4.14 33.37 9.77
N LEU A 285 4.80 34.16 10.65
CA LEU A 285 6.16 34.62 10.38
C LEU A 285 7.23 33.54 10.46
N ILE A 286 6.91 32.46 11.18
CA ILE A 286 7.73 31.27 11.26
C ILE A 286 8.02 30.66 9.89
N ALA A 287 7.02 30.66 8.99
CA ALA A 287 7.17 30.01 7.70
C ALA A 287 8.21 30.70 6.82
N THR A 288 8.16 32.02 6.76
CA THR A 288 9.03 32.73 5.85
C THR A 288 10.41 32.93 6.42
N SER A 289 10.55 32.90 7.75
CA SER A 289 11.87 32.85 8.30
C SER A 289 12.59 31.54 7.88
N ARG A 290 11.88 30.47 7.67
CA ARG A 290 12.53 29.23 7.18
C ARG A 290 12.70 29.14 5.67
N PHE A 291 11.61 29.48 4.98
CA PHE A 291 11.50 29.35 3.56
C PHE A 291 10.84 30.61 3.03
N PRO A 292 11.64 31.58 2.63
CA PRO A 292 11.14 32.88 2.22
C PRO A 292 10.43 32.84 0.86
N GLU A 293 10.44 31.69 0.19
CA GLU A 293 9.76 31.45 -1.08
C GLU A 293 8.28 31.34 -0.81
N LEU A 294 7.92 30.96 0.40
CA LEU A 294 6.51 30.89 0.78
C LEU A 294 5.88 32.27 1.02
N ILE A 295 4.59 32.40 0.75
CA ILE A 295 3.80 33.56 1.14
C ILE A 295 3.04 33.09 2.37
N SER A 296 3.15 33.81 3.47
CA SER A 296 2.48 33.38 4.70
C SER A 296 1.71 34.58 5.24
N VAL A 297 0.40 34.52 5.00
CA VAL A 297 -0.49 35.59 5.28
C VAL A 297 -0.86 35.56 6.74
N PRO A 298 -0.72 36.69 7.42
CA PRO A 298 -1.09 36.72 8.83
C PRO A 298 -2.63 36.78 8.99
N ILE A 299 -3.21 35.89 9.77
CA ILE A 299 -4.63 35.96 10.07
C ILE A 299 -4.81 36.46 11.53
N ASP A 300 -5.58 37.54 11.69
N ASP A 300 -5.57 37.51 11.71
CA ASP A 300 -5.87 38.07 13.03
CA ASP A 300 -5.73 38.05 13.05
C ASP A 300 -6.90 37.18 13.65
C ASP A 300 -6.89 37.33 13.74
N THR A 301 -6.57 36.59 14.79
CA THR A 301 -7.48 35.72 15.48
C THR A 301 -7.64 36.23 16.89
N GLU A 302 -8.72 35.83 17.57
CA GLU A 302 -8.93 36.28 18.95
C GLU A 302 -7.96 35.59 19.92
N LYS A 303 -7.84 34.25 19.83
CA LYS A 303 -7.07 33.45 20.81
C LYS A 303 -6.01 32.52 20.20
N GLY A 304 -5.63 32.75 18.95
CA GLY A 304 -4.57 31.96 18.31
C GLY A 304 -5.09 30.82 17.47
N PHE A 305 -6.42 30.74 17.34
CA PHE A 305 -7.06 29.72 16.52
C PHE A 305 -8.01 30.32 15.53
N PHE A 306 -8.09 29.69 14.33
CA PHE A 306 -9.12 30.07 13.39
C PHE A 306 -10.51 29.99 13.98
N SER A 307 -11.38 30.91 13.55
CA SER A 307 -12.80 30.88 13.94
C SER A 307 -13.66 31.51 12.86
N LEU A 308 -14.97 31.53 13.10
CA LEU A 308 -15.89 32.12 12.13
C LEU A 308 -15.54 33.54 11.73
N GLN A 309 -14.90 34.30 12.60
CA GLN A 309 -14.53 35.66 12.21
C GLN A 309 -13.48 35.70 11.06
N ASN A 310 -12.81 34.57 10.81
CA ASN A 310 -11.88 34.51 9.72
C ASN A 310 -12.45 33.92 8.44
N LEU A 311 -13.71 33.53 8.45
CA LEU A 311 -14.34 32.88 7.30
C LEU A 311 -14.25 33.70 6.02
N GLN A 312 -14.63 34.96 6.11
CA GLN A 312 -14.71 35.81 4.93
C GLN A 312 -13.33 36.05 4.36
N GLU A 313 -12.35 36.31 5.22
CA GLU A 313 -11.00 36.51 4.69
C GLU A 313 -10.47 35.25 3.97
N CYS A 314 -10.74 34.06 4.50
CA CYS A 314 -10.23 32.82 3.89
C CYS A 314 -10.89 32.52 2.54
N LEU A 315 -12.18 32.80 2.41
CA LEU A 315 -12.89 32.62 1.14
C LEU A 315 -12.34 33.59 0.13
N GLU A 316 -12.02 34.79 0.58
CA GLU A 316 -11.43 35.75 -0.30
C GLU A 316 -10.07 35.29 -0.87
N LEU A 317 -9.19 34.87 0.02
CA LEU A 317 -7.93 34.27 -0.37
C LEU A 317 -8.11 33.03 -1.29
N SER A 318 -9.18 32.26 -1.11
CA SER A 318 -9.46 31.11 -1.98
C SER A 318 -9.79 31.45 -3.44
N LYS A 319 -10.31 32.63 -3.68
CA LYS A 319 -10.71 33.06 -5.05
C LYS A 319 -9.58 32.93 -6.10
N ASP A 320 -8.35 33.21 -5.69
CA ASP A 320 -7.22 33.32 -6.61
C ASP A 320 -6.38 32.03 -6.63
N VAL A 321 -6.85 30.93 -6.04
CA VAL A 321 -6.09 29.70 -6.09
C VAL A 321 -6.85 28.59 -6.78
N ASP A 322 -6.12 27.52 -7.08
CA ASP A 322 -6.66 26.35 -7.73
C ASP A 322 -7.12 25.29 -6.76
N VAL A 323 -6.50 25.21 -5.59
CA VAL A 323 -6.84 24.17 -4.61
C VAL A 323 -6.59 24.78 -3.24
N VAL A 324 -7.40 24.35 -2.26
CA VAL A 324 -7.19 24.68 -0.85
C VAL A 324 -6.92 23.43 -0.02
N ALA A 325 -5.82 23.39 0.70
CA ALA A 325 -5.59 22.35 1.74
C ALA A 325 -5.91 22.99 3.12
N ILE A 326 -6.57 22.25 3.99
CA ILE A 326 -6.99 22.72 5.29
C ILE A 326 -6.77 21.66 6.35
N GLY A 327 -6.31 22.07 7.55
CA GLY A 327 -6.32 21.17 8.71
C GLY A 327 -5.07 21.00 9.55
N PRO A 328 -3.90 20.93 8.91
CA PRO A 328 -2.69 20.65 9.74
C PRO A 328 -2.50 21.72 10.79
N GLY A 329 -2.43 21.28 12.05
CA GLY A 329 -2.22 22.15 13.18
C GLY A 329 -3.27 23.20 13.48
N LEU A 330 -4.51 23.00 13.02
CA LEU A 330 -5.56 24.00 13.34
C LEU A 330 -6.00 23.96 14.81
N GLY A 331 -5.80 22.82 15.46
CA GLY A 331 -6.36 22.58 16.78
C GLY A 331 -7.81 22.11 16.59
N ASN A 332 -8.35 21.56 17.63
CA ASN A 332 -9.68 21.01 17.58
C ASN A 332 -10.47 21.57 18.76
N ASN A 333 -11.23 22.61 18.52
CA ASN A 333 -12.14 23.19 19.50
C ASN A 333 -13.37 23.65 18.69
N GLU A 334 -14.39 24.08 19.39
CA GLU A 334 -15.66 24.35 18.75
C GLU A 334 -15.63 25.43 17.70
N HIS A 335 -14.84 26.47 17.91
CA HIS A 335 -14.74 27.55 16.94
C HIS A 335 -14.01 27.14 15.67
N VAL A 336 -13.01 26.26 15.79
CA VAL A 336 -12.39 25.65 14.62
C VAL A 336 -13.42 24.79 13.87
N ARG A 337 -14.20 23.98 14.58
CA ARG A 337 -15.27 23.18 13.99
C ARG A 337 -16.23 24.05 13.19
N GLU A 338 -16.71 25.14 13.77
CA GLU A 338 -17.65 26.06 13.08
C GLU A 338 -17.02 26.62 11.82
N PHE A 339 -15.80 27.07 11.94
CA PHE A 339 -15.10 27.65 10.81
C PHE A 339 -14.84 26.63 9.68
N VAL A 340 -14.31 25.47 10.03
CA VAL A 340 -13.93 24.50 9.02
C VAL A 340 -15.15 24.06 8.18
N ASN A 341 -16.22 23.72 8.87
CA ASN A 341 -17.47 23.28 8.23
C ASN A 341 -18.16 24.35 7.40
N GLU A 342 -18.24 25.58 7.90
CA GLU A 342 -18.81 26.66 7.08
C GLU A 342 -17.90 27.00 5.88
N PHE A 343 -16.61 26.94 6.08
CA PHE A 343 -15.69 27.19 5.01
C PHE A 343 -15.86 26.16 3.89
N LEU A 344 -15.76 24.88 4.24
CA LEU A 344 -15.88 23.80 3.24
C LEU A 344 -17.25 23.74 2.56
N LYS A 345 -18.29 24.07 3.27
CA LYS A 345 -19.63 24.22 2.69
C LYS A 345 -19.70 25.33 1.61
N THR A 346 -18.93 26.39 1.74
CA THR A 346 -18.96 27.49 0.78
C THR A 346 -17.84 27.43 -0.23
N LEU A 347 -16.74 26.77 0.10
CA LEU A 347 -15.64 26.74 -0.82
C LEU A 347 -16.01 26.03 -2.11
N GLU A 348 -15.75 26.69 -3.22
CA GLU A 348 -16.05 26.12 -4.53
C GLU A 348 -14.78 25.79 -5.30
N LYS A 349 -13.84 25.18 -4.59
CA LYS A 349 -12.57 24.72 -5.13
C LYS A 349 -12.32 23.33 -4.59
N PRO A 350 -11.53 22.53 -5.30
CA PRO A 350 -11.10 21.28 -4.72
C PRO A 350 -10.47 21.50 -3.33
N ALA A 351 -10.70 20.58 -2.41
CA ALA A 351 -10.21 20.71 -1.05
C ALA A 351 -9.45 19.45 -0.67
N VAL A 352 -8.31 19.62 -0.02
CA VAL A 352 -7.57 18.53 0.57
C VAL A 352 -7.75 18.68 2.09
N ILE A 353 -8.33 17.68 2.75
CA ILE A 353 -8.81 17.84 4.12
C ILE A 353 -8.04 16.85 4.97
N ASP A 354 -7.28 17.37 5.93
CA ASP A 354 -6.31 16.62 6.72
C ASP A 354 -6.46 16.98 8.22
N ALA A 355 -5.99 16.06 9.06
CA ALA A 355 -5.60 16.38 10.45
C ALA A 355 -6.79 16.93 11.23
N ASP A 356 -6.66 18.08 11.86
CA ASP A 356 -7.79 18.64 12.64
C ASP A 356 -9.02 19.04 11.85
N ALA A 357 -8.86 19.33 10.55
CA ALA A 357 -10.04 19.55 9.72
C ALA A 357 -10.89 18.26 9.58
N ILE A 358 -10.25 17.09 9.61
CA ILE A 358 -11.00 15.81 9.63
C ILE A 358 -11.62 15.57 11.02
N ASN A 359 -10.83 15.75 12.07
CA ASN A 359 -11.32 15.70 13.45
C ASN A 359 -12.59 16.52 13.77
N VAL A 360 -12.80 17.66 13.09
CA VAL A 360 -14.01 18.42 13.34
C VAL A 360 -15.03 18.36 12.19
N LEU A 361 -14.77 17.58 11.15
CA LEU A 361 -15.57 17.57 9.94
C LEU A 361 -16.96 17.03 10.20
N ASP A 362 -17.94 17.70 9.65
CA ASP A 362 -19.29 17.16 9.52
C ASP A 362 -19.39 16.52 8.12
N THR A 363 -19.54 15.21 8.08
CA THR A 363 -19.51 14.53 6.79
C THR A 363 -20.69 14.91 5.87
N SER A 364 -21.77 15.46 6.42
CA SER A 364 -22.86 15.98 5.58
C SER A 364 -22.36 17.04 4.62
N VAL A 365 -21.39 17.83 5.07
CA VAL A 365 -20.80 18.84 4.25
C VAL A 365 -20.16 18.28 2.99
N LEU A 366 -19.51 17.11 3.06
CA LEU A 366 -18.93 16.47 1.86
C LEU A 366 -19.98 16.07 0.84
N LYS A 367 -21.17 15.72 1.30
CA LYS A 367 -22.24 15.36 0.39
C LYS A 367 -22.79 16.62 -0.27
N GLU A 368 -22.78 17.75 0.43
CA GLU A 368 -23.33 18.98 -0.16
C GLU A 368 -22.39 19.60 -1.18
N ARG A 369 -21.09 19.37 -1.03
CA ARG A 369 -20.12 20.07 -1.84
C ARG A 369 -20.24 19.64 -3.29
N LYS A 370 -20.25 20.60 -4.19
CA LYS A 370 -20.18 20.31 -5.63
C LYS A 370 -18.72 20.06 -6.00
N SER A 371 -17.78 20.75 -5.36
CA SER A 371 -16.38 20.63 -5.72
C SER A 371 -15.77 19.36 -5.12
N PRO A 372 -14.67 18.86 -5.71
CA PRO A 372 -14.07 17.64 -5.20
C PRO A 372 -13.32 17.79 -3.85
N ALA A 373 -13.02 16.65 -3.23
CA ALA A 373 -12.26 16.60 -2.00
C ALA A 373 -11.41 15.35 -1.94
N VAL A 374 -10.27 15.51 -1.28
CA VAL A 374 -9.49 14.40 -0.84
C VAL A 374 -9.40 14.48 0.68
N LEU A 375 -9.63 13.35 1.36
CA LEU A 375 -9.43 13.24 2.82
C LEU A 375 -8.22 12.36 3.07
N THR A 376 -7.36 12.76 3.99
CA THR A 376 -6.10 12.09 4.26
C THR A 376 -5.97 11.67 5.72
N PRO A 377 -6.87 10.79 6.22
CA PRO A 377 -6.74 10.41 7.62
C PRO A 377 -5.74 9.26 7.85
N HIS A 378 -5.07 9.26 9.01
CA HIS A 378 -4.52 8.01 9.57
C HIS A 378 -5.66 7.23 10.27
N PRO A 379 -5.41 5.98 10.64
CA PRO A 379 -6.52 5.15 11.15
C PRO A 379 -7.21 5.71 12.40
N GLY A 380 -6.50 6.44 13.27
CA GLY A 380 -7.15 7.06 14.40
C GLY A 380 -8.13 8.16 13.98
N GLU A 381 -7.74 8.95 13.00
CA GLU A 381 -8.65 9.97 12.47
C GLU A 381 -9.83 9.34 11.71
N MET A 382 -9.57 8.30 10.93
CA MET A 382 -10.65 7.57 10.25
C MET A 382 -11.61 6.91 11.25
N ALA A 383 -11.06 6.28 12.27
CA ALA A 383 -11.88 5.70 13.32
C ALA A 383 -12.85 6.77 13.91
N ARG A 384 -12.34 7.93 14.31
CA ARG A 384 -13.20 8.99 14.91
C ARG A 384 -14.19 9.48 13.88
N LEU A 385 -13.75 9.60 12.63
CA LEU A 385 -14.63 10.10 11.60
C LEU A 385 -15.85 9.19 11.38
N VAL A 386 -15.68 7.87 11.43
CA VAL A 386 -16.81 6.97 11.16
C VAL A 386 -17.31 6.32 12.48
N LYS A 387 -16.74 6.70 13.62
CA LYS A 387 -17.25 6.21 14.91
C LYS A 387 -17.05 4.70 15.11
N LYS A 388 -15.87 4.22 14.73
CA LYS A 388 -15.49 2.84 14.93
C LYS A 388 -14.14 2.78 15.66
N THR A 389 -13.64 1.58 15.92
CA THR A 389 -12.38 1.41 16.59
C THR A 389 -11.29 1.48 15.52
N VAL A 390 -10.08 1.86 15.93
CA VAL A 390 -8.92 1.80 15.06
C VAL A 390 -8.79 0.41 14.40
N GLY A 391 -8.95 -0.65 15.19
CA GLY A 391 -8.91 -2.02 14.68
C GLY A 391 -9.96 -2.40 13.62
N ASP A 392 -11.13 -1.78 13.71
CA ASP A 392 -12.18 -1.91 12.72
C ASP A 392 -11.78 -1.29 11.38
N VAL A 393 -11.10 -0.16 11.42
CA VAL A 393 -10.78 0.57 10.20
C VAL A 393 -9.40 0.32 9.58
N LYS A 394 -8.42 -0.07 10.37
CA LYS A 394 -7.08 -0.20 9.84
C LYS A 394 -7.01 -1.27 8.75
N TYR A 395 -6.49 -0.87 7.60
CA TYR A 395 -6.32 -1.74 6.45
C TYR A 395 -7.67 -2.24 5.93
N ASN A 396 -8.74 -1.55 6.29
CA ASN A 396 -10.06 -1.94 5.85
C ASN A 396 -10.41 -1.25 4.55
N TYR A 397 -9.96 -1.85 3.45
CA TYR A 397 -10.17 -1.26 2.15
C TYR A 397 -11.62 -1.15 1.74
N GLU A 398 -12.43 -2.15 2.08
CA GLU A 398 -13.85 -2.10 1.70
C GLU A 398 -14.61 -0.95 2.39
N LEU A 399 -14.27 -0.67 3.65
CA LEU A 399 -14.88 0.45 4.35
C LEU A 399 -14.39 1.73 3.72
N ALA A 400 -13.09 1.80 3.41
CA ALA A 400 -12.60 2.99 2.73
C ALA A 400 -13.36 3.23 1.39
N GLU A 401 -13.54 2.17 0.62
CA GLU A 401 -14.25 2.25 -0.66
C GLU A 401 -15.68 2.80 -0.47
N GLU A 402 -16.37 2.21 0.49
CA GLU A 402 -17.74 2.58 0.79
C GLU A 402 -17.81 4.06 1.20
N PHE A 403 -16.90 4.47 2.07
CA PHE A 403 -16.84 5.84 2.48
C PHE A 403 -16.62 6.79 1.31
N ALA A 404 -15.65 6.49 0.43
CA ALA A 404 -15.34 7.40 -0.67
C ALA A 404 -16.54 7.50 -1.60
N LYS A 405 -17.21 6.36 -1.80
CA LYS A 405 -18.35 6.34 -2.70
C LYS A 405 -19.52 7.16 -2.10
N GLU A 406 -19.86 6.90 -0.85
CA GLU A 406 -20.97 7.60 -0.17
C GLU A 406 -20.76 9.09 -0.05
N ASN A 407 -19.52 9.52 0.05
CA ASN A 407 -19.24 10.92 0.30
C ASN A 407 -18.66 11.62 -0.90
N ASP A 408 -18.65 10.94 -2.04
CA ASP A 408 -18.15 11.55 -3.28
C ASP A 408 -16.76 12.16 -3.12
N CYS A 409 -15.86 11.43 -2.47
CA CYS A 409 -14.51 11.93 -2.27
C CYS A 409 -13.47 10.89 -2.63
N VAL A 410 -12.21 11.28 -2.57
CA VAL A 410 -11.06 10.36 -2.59
C VAL A 410 -10.63 10.27 -1.15
N LEU A 411 -10.39 9.04 -0.71
CA LEU A 411 -9.94 8.78 0.62
C LEU A 411 -8.56 8.21 0.56
N VAL A 412 -7.65 8.79 1.33
CA VAL A 412 -6.27 8.31 1.40
C VAL A 412 -6.12 7.93 2.84
N LEU A 413 -6.22 6.63 3.11
CA LEU A 413 -6.08 6.07 4.46
C LEU A 413 -4.62 5.64 4.69
N LYS A 414 -3.92 6.43 5.47
CA LYS A 414 -2.48 6.34 5.67
C LYS A 414 -2.14 5.18 6.61
N SER A 415 -1.11 4.45 6.28
CA SER A 415 -0.44 3.47 7.15
C SER A 415 0.78 2.96 6.34
N ALA A 416 1.50 1.96 6.86
CA ALA A 416 2.71 1.52 6.19
C ALA A 416 2.37 1.10 4.76
N THR A 417 1.21 0.48 4.58
CA THR A 417 0.61 0.37 3.27
C THR A 417 -0.57 1.35 3.26
N THR A 418 -0.48 2.32 2.36
CA THR A 418 -1.51 3.32 2.25
C THR A 418 -2.55 2.93 1.20
N ILE A 419 -3.82 3.14 1.50
CA ILE A 419 -4.91 2.83 0.59
C ILE A 419 -5.45 4.11 -0.01
N VAL A 420 -5.62 4.12 -1.32
CA VAL A 420 -6.11 5.32 -2.03
C VAL A 420 -7.28 4.85 -2.83
N THR A 421 -8.47 5.38 -2.58
CA THR A 421 -9.64 4.95 -3.32
C THR A 421 -10.58 6.11 -3.56
N ASP A 422 -11.30 6.04 -4.68
CA ASP A 422 -12.44 6.88 -4.94
C ASP A 422 -13.76 6.08 -4.90
N GLY A 423 -13.72 4.84 -4.44
CA GLY A 423 -14.92 4.02 -4.39
C GLY A 423 -15.01 3.08 -5.58
N GLU A 424 -14.34 3.39 -6.68
CA GLU A 424 -14.43 2.57 -7.90
C GLU A 424 -13.10 1.90 -8.15
N LYS A 425 -12.03 2.67 -7.99
CA LYS A 425 -10.70 2.18 -8.15
C LYS A 425 -10.00 2.33 -6.78
N THR A 426 -9.27 1.29 -6.38
CA THR A 426 -8.51 1.28 -5.16
C THR A 426 -7.07 0.95 -5.46
N LEU A 427 -6.14 1.77 -4.96
CA LEU A 427 -4.71 1.55 -5.15
C LEU A 427 -3.98 1.41 -3.80
N PHE A 428 -2.93 0.59 -3.79
CA PHE A 428 -2.15 0.35 -2.57
C PHE A 428 -0.74 0.84 -2.76
N ASN A 429 -0.25 1.56 -1.76
CA ASN A 429 1.12 2.05 -1.81
C ASN A 429 2.01 1.29 -0.86
N ILE A 430 3.18 0.85 -1.36
CA ILE A 430 4.11 0.09 -0.58
C ILE A 430 5.51 0.76 -0.51
N THR A 431 5.65 2.01 -0.92
CA THR A 431 6.91 2.71 -0.69
C THR A 431 6.98 3.27 0.71
N GLY A 432 8.14 3.72 1.17
CA GLY A 432 8.25 4.35 2.52
C GLY A 432 8.95 3.46 3.52
N ASN A 433 9.19 3.99 4.71
CA ASN A 433 9.81 3.22 5.76
C ASN A 433 9.49 3.89 7.08
N THR A 434 10.02 3.34 8.19
CA THR A 434 9.67 3.87 9.50
C THR A 434 10.22 5.26 9.79
N GLY A 435 11.01 5.86 8.90
CA GLY A 435 11.39 7.23 9.12
C GLY A 435 10.20 8.18 9.05
N LEU A 436 9.15 7.77 8.35
CA LEU A 436 7.94 8.54 8.22
C LEU A 436 7.03 8.43 9.45
N SER A 437 7.34 7.49 10.34
CA SER A 437 6.61 7.33 11.59
C SER A 437 7.03 8.39 12.62
N LYS A 438 6.78 9.65 12.32
CA LYS A 438 7.32 10.72 13.13
C LYS A 438 6.56 11.93 12.69
N GLY A 439 6.16 12.77 13.63
CA GLY A 439 5.32 13.92 13.36
C GLY A 439 5.86 14.79 12.25
N GLY A 440 4.97 15.21 11.38
CA GLY A 440 5.35 16.17 10.34
C GLY A 440 5.24 15.53 8.98
N SER A 441 5.28 14.21 8.95
CA SER A 441 5.40 13.53 7.67
C SER A 441 4.05 13.60 6.90
N GLY A 442 2.95 13.52 7.63
CA GLY A 442 1.60 13.68 7.08
C GLY A 442 1.34 15.06 6.55
N ASP A 443 1.85 16.06 7.25
CA ASP A 443 1.73 17.42 6.82
C ASP A 443 2.40 17.63 5.44
N VAL A 444 3.55 17.04 5.23
CA VAL A 444 4.22 17.14 3.95
C VAL A 444 3.35 16.50 2.85
N LEU A 445 2.78 15.33 3.11
CA LEU A 445 1.98 14.63 2.08
C LEU A 445 0.76 15.49 1.67
N THR A 446 0.16 16.16 2.64
CA THR A 446 -0.96 17.03 2.35
C THR A 446 -0.62 18.12 1.33
N GLY A 447 0.53 18.78 1.52
CA GLY A 447 1.02 19.76 0.58
C GLY A 447 1.30 19.13 -0.78
N MET A 448 1.87 17.95 -0.80
CA MET A 448 2.15 17.26 -2.07
C MET A 448 0.89 17.01 -2.87
N ILE A 449 -0.15 16.51 -2.22
CA ILE A 449 -1.41 16.22 -2.90
C ILE A 449 -2.05 17.48 -3.50
N ALA A 450 -2.17 18.55 -2.69
CA ALA A 450 -2.73 19.83 -3.13
C ALA A 450 -1.94 20.33 -4.31
N GLY A 451 -0.62 20.21 -4.23
CA GLY A 451 0.26 20.66 -5.32
C GLY A 451 -0.01 19.98 -6.66
N PHE A 452 -0.15 18.67 -6.63
CA PHE A 452 -0.38 17.98 -7.84
C PHE A 452 -1.78 18.25 -8.37
N ILE A 453 -2.76 18.40 -7.50
CA ILE A 453 -4.06 18.88 -7.97
C ILE A 453 -3.93 20.25 -8.67
N ALA A 454 -3.21 21.18 -8.06
CA ALA A 454 -3.04 22.48 -8.66
C ALA A 454 -2.36 22.40 -10.05
N GLN A 455 -1.55 21.38 -10.27
CA GLN A 455 -0.85 21.21 -11.52
C GLN A 455 -1.74 20.56 -12.57
N GLY A 456 -2.93 20.12 -12.21
CA GLY A 456 -3.87 19.61 -13.19
C GLY A 456 -4.19 18.14 -13.04
N LEU A 457 -3.62 17.40 -12.08
CA LEU A 457 -4.01 16.00 -11.92
C LEU A 457 -5.38 15.95 -11.19
N SER A 458 -6.14 14.90 -11.47
CA SER A 458 -7.38 14.61 -10.76
C SER A 458 -7.01 14.37 -9.29
N PRO A 459 -7.96 14.55 -8.38
CA PRO A 459 -7.77 14.17 -6.95
C PRO A 459 -7.18 12.75 -6.73
N LEU A 460 -7.71 11.79 -7.48
CA LEU A 460 -7.24 10.41 -7.36
C LEU A 460 -5.80 10.28 -7.89
N GLU A 461 -5.50 10.87 -9.05
CA GLU A 461 -4.14 10.81 -9.60
C GLU A 461 -3.14 11.49 -8.70
N ALA A 462 -3.51 12.66 -8.18
CA ALA A 462 -2.64 13.44 -7.32
C ALA A 462 -2.27 12.68 -6.07
N SER A 463 -3.30 12.03 -5.50
CA SER A 463 -3.12 11.20 -4.33
C SER A 463 -2.20 9.99 -4.60
N THR A 464 -2.39 9.39 -5.76
CA THR A 464 -1.62 8.20 -6.16
C THR A 464 -0.10 8.52 -6.30
N VAL A 465 0.19 9.58 -7.05
CA VAL A 465 1.55 10.05 -7.29
C VAL A 465 2.17 10.50 -5.97
N SER A 466 1.41 11.21 -5.12
CA SER A 466 1.96 11.75 -3.89
C SER A 466 2.33 10.68 -2.88
N VAL A 467 1.47 9.68 -2.65
CA VAL A 467 1.79 8.68 -1.66
C VAL A 467 3.04 7.90 -2.07
N TYR A 468 3.17 7.62 -3.36
CA TYR A 468 4.34 6.90 -3.86
C TYR A 468 5.61 7.70 -3.67
N LEU A 469 5.59 8.97 -4.11
CA LEU A 469 6.79 9.81 -4.10
C LEU A 469 7.23 10.11 -2.68
N HIS A 470 6.24 10.30 -1.82
CA HIS A 470 6.46 10.61 -0.40
C HIS A 470 7.20 9.48 0.28
N GLY A 471 6.71 8.26 0.05
CA GLY A 471 7.41 7.07 0.55
C GLY A 471 8.75 6.81 -0.06
N PHE A 472 8.86 7.00 -1.37
CA PHE A 472 10.16 6.82 -2.05
C PHE A 472 11.23 7.88 -1.62
N ALA A 473 10.85 9.13 -1.44
CA ALA A 473 11.77 10.13 -0.84
C ALA A 473 12.32 9.65 0.53
N ALA A 474 11.45 9.06 1.37
CA ALA A 474 11.88 8.53 2.66
C ALA A 474 12.98 7.44 2.45
N GLU A 475 12.82 6.62 1.42
CA GLU A 475 13.78 5.57 1.18
C GLU A 475 15.09 6.09 0.66
N LEU A 476 15.12 7.31 0.15
CA LEU A 476 16.37 7.83 -0.38
C LEU A 476 17.24 8.43 0.72
N PHE A 477 16.76 8.49 1.96
CA PHE A 477 17.55 9.07 3.03
C PHE A 477 18.84 8.27 3.18
N GLU A 478 19.94 9.00 3.21
CA GLU A 478 21.29 8.46 3.30
C GLU A 478 21.67 7.74 4.59
N GLN A 479 21.23 8.24 5.72
CA GLN A 479 21.53 7.63 7.00
C GLN A 479 20.43 6.68 7.52
N ASP A 480 20.49 6.28 8.77
CA ASP A 480 19.49 5.36 9.28
C ASP A 480 18.13 6.02 9.27
N GLU A 481 17.13 5.26 8.88
CA GLU A 481 15.81 5.78 8.67
C GLU A 481 15.23 6.40 9.90
N ARG A 482 15.58 5.91 11.08
CA ARG A 482 14.92 6.42 12.24
C ARG A 482 15.22 7.86 12.56
N GLY A 483 16.29 8.41 11.98
CA GLY A 483 16.63 9.79 12.17
C GLY A 483 16.08 10.70 11.10
N LEU A 484 15.34 10.16 10.14
CA LEU A 484 14.67 11.00 9.13
C LEU A 484 13.67 11.91 9.83
N THR A 485 13.72 13.18 9.52
CA THR A 485 12.69 14.15 9.91
C THR A 485 12.06 14.74 8.63
N ALA A 486 10.91 15.40 8.81
CA ALA A 486 10.12 16.01 7.73
C ALA A 486 10.89 17.00 6.88
N SER A 487 11.75 17.80 7.52
CA SER A 487 12.57 18.73 6.81
C SER A 487 13.55 18.01 5.84
N GLU A 488 14.08 16.85 6.25
CA GLU A 488 14.98 16.12 5.37
C GLU A 488 14.17 15.50 4.25
N LEU A 489 12.97 15.05 4.60
CA LEU A 489 12.08 14.47 3.59
C LEU A 489 11.81 15.45 2.47
N LEU A 490 11.56 16.70 2.85
CA LEU A 490 11.35 17.76 1.89
C LEU A 490 12.48 17.86 0.87
N ARG A 491 13.71 17.78 1.37
CA ARG A 491 14.93 17.90 0.57
C ARG A 491 15.05 16.73 -0.40
N LEU A 492 14.53 15.56 -0.02
CA LEU A 492 14.63 14.38 -0.85
C LEU A 492 13.58 14.27 -1.97
N ILE A 493 12.49 15.03 -1.86
CA ILE A 493 11.40 14.91 -2.82
C ILE A 493 11.91 15.07 -4.28
N PRO A 494 12.69 16.12 -4.57
CA PRO A 494 13.10 16.30 -5.96
C PRO A 494 14.06 15.20 -6.46
N GLU A 495 14.77 14.54 -5.55
CA GLU A 495 15.59 13.42 -5.96
C GLU A 495 14.68 12.21 -6.31
N ALA A 496 13.67 11.96 -5.51
CA ALA A 496 12.67 10.95 -5.81
C ALA A 496 12.05 11.22 -7.21
N ILE A 497 11.69 12.47 -7.50
CA ILE A 497 11.13 12.79 -8.80
C ILE A 497 12.12 12.49 -9.89
N ARG A 498 13.38 12.87 -9.69
CA ARG A 498 14.38 12.63 -10.72
C ARG A 498 14.53 11.14 -10.94
N ARG A 499 14.55 10.35 -9.88
CA ARG A 499 14.81 8.91 -10.06
C ARG A 499 13.67 8.19 -10.73
N LEU A 500 12.47 8.73 -10.56
CA LEU A 500 11.28 8.19 -11.15
C LEU A 500 11.28 8.27 -12.66
N LYS A 501 12.26 8.96 -13.27
CA LYS A 501 12.40 8.89 -14.73
C LYS A 501 13.79 8.50 -15.22
N ALA B 1 13.50 -8.61 -19.43
CA ALA B 1 13.59 -9.36 -18.12
C ALA B 1 12.22 -9.90 -17.62
N ALA B 2 11.12 -9.57 -18.27
CA ALA B 2 9.82 -9.48 -17.59
C ALA B 2 8.71 -10.43 -18.02
N TRP B 3 8.94 -11.35 -18.98
CA TRP B 3 7.86 -12.23 -19.44
C TRP B 3 7.36 -13.14 -18.34
N LEU B 4 8.26 -13.74 -17.55
CA LEU B 4 7.83 -14.69 -16.53
C LEU B 4 7.46 -14.03 -15.19
N PHE B 5 8.33 -13.14 -14.72
CA PHE B 5 8.23 -12.55 -13.37
C PHE B 5 8.02 -11.05 -13.39
N GLU B 6 7.06 -10.58 -12.59
CA GLU B 6 7.02 -9.19 -12.12
C GLU B 6 7.59 -9.10 -10.67
N ALA B 7 8.47 -8.13 -10.41
CA ALA B 7 9.27 -8.05 -9.11
C ALA B 7 8.45 -7.75 -7.85
K K C . 1.47 -21.85 0.82
MG MG D . -1.43 13.93 10.31
PB ADP E . 1.74 13.28 11.19
O1B ADP E . 0.33 13.83 11.32
O2B ADP E . 2.42 14.24 10.25
O3B ADP E . 2.43 12.99 12.49
PA ADP E . 0.20 11.13 9.84
O1A ADP E . -0.83 12.14 9.37
O2A ADP E . -0.08 9.72 10.26
O3A ADP E . 1.42 11.70 10.79
O5' ADP E . 1.07 10.80 8.47
C5' ADP E . 2.18 9.86 8.54
C4' ADP E . 2.63 9.61 7.10
O4' ADP E . 3.77 8.78 7.10
C3' ADP E . 1.58 8.83 6.32
O3' ADP E . 1.74 9.15 4.97
C2' ADP E . 1.95 7.39 6.54
O2' ADP E . 1.39 6.59 5.50
C1' ADP E . 3.47 7.48 6.61
N9 ADP E . 4.07 6.46 7.49
C8 ADP E . 4.12 6.44 8.84
N7 ADP E . 4.75 5.31 9.28
C5 ADP E . 5.10 4.62 8.17
C6 ADP E . 5.77 3.34 7.89
N6 ADP E . 6.20 2.60 8.91
N1 ADP E . 5.96 2.99 6.62
C2 ADP E . 5.52 3.71 5.59
N3 ADP E . 4.88 4.88 5.75
C4 ADP E . 4.67 5.36 7.01
PB ADP F . -7.52 -24.72 -3.20
O1B ADP F . -8.72 -23.88 -3.39
O2B ADP F . -7.60 -26.22 -3.35
O3B ADP F . -6.31 -24.11 -3.90
PA ADP F . -5.76 -24.58 -0.90
O1A ADP F . -5.27 -23.19 -0.59
O2A ADP F . -4.85 -25.64 -1.49
O3A ADP F . -7.18 -24.51 -1.63
O5' ADP F . -6.24 -25.22 0.53
C5' ADP F . -6.97 -26.45 0.36
C4' ADP F . -7.60 -27.13 1.56
O4' ADP F . -6.90 -26.98 2.80
C3' ADP F . -9.02 -26.63 1.88
O3' ADP F . -10.04 -26.92 0.90
C2' ADP F . -9.27 -27.32 3.23
O2' ADP F . -9.76 -28.67 3.19
C1' ADP F . -7.87 -27.27 3.85
N9 ADP F . -7.95 -26.19 4.87
C8 ADP F . -8.30 -24.90 4.58
N7 ADP F . -8.28 -24.15 5.71
C5 ADP F . -7.90 -24.97 6.71
C6 ADP F . -7.68 -24.79 8.15
N6 ADP F . -7.89 -23.53 8.64
N1 ADP F . -7.29 -25.86 8.88
C2 ADP F . -7.11 -27.06 8.33
N3 ADP F . -7.28 -27.29 7.02
C4 ADP F . -7.69 -26.31 6.18
PB ADP G . -2.23 12.74 15.88
O1B ADP G . -1.52 11.65 16.68
O2B ADP G . -2.20 14.08 16.58
O3B ADP G . -1.93 12.78 14.39
PA ADP G . -4.23 11.31 17.21
O1A ADP G . -5.74 11.29 17.12
O2A ADP G . -3.43 11.63 18.49
O3A ADP G . -3.78 12.31 16.02
O5' ADP G . -3.73 9.86 16.70
C5' ADP G . -2.92 8.92 17.39
C4' ADP G . -3.76 7.65 17.51
O4' ADP G . -4.27 7.16 16.25
C3' ADP G . -2.93 6.54 18.16
O3' ADP G . -3.57 6.21 19.39
C2' ADP G . -2.95 5.39 17.19
O2' ADP G . -3.55 4.22 17.72
C1' ADP G . -3.79 5.83 16.01
N9 ADP G . -2.97 5.71 14.79
C8 ADP G . -2.37 6.68 14.07
N7 ADP G . -1.70 6.14 13.02
C5 ADP G . -1.88 4.82 13.04
C6 ADP G . -1.48 3.64 12.23
N6 ADP G . -0.71 3.75 11.12
N1 ADP G . -1.88 2.42 12.69
C2 ADP G . -2.63 2.26 13.80
N3 ADP G . -3.02 3.28 14.55
C4 ADP G . -2.70 4.55 14.23
C1 GOL H . -2.54 -21.36 -9.72
O1 GOL H . -3.78 -21.34 -10.37
C2 GOL H . -2.31 -22.76 -9.21
O2 GOL H . -2.87 -22.85 -7.91
C3 GOL H . -3.02 -23.72 -10.16
O3 GOL H . -2.54 -24.99 -9.87
#